data_6FLJ
#
_entry.id   6FLJ
#
_cell.length_a   40.842
_cell.length_b   51.367
_cell.length_c   66.757
_cell.angle_alpha   90.00
_cell.angle_beta   90.00
_cell.angle_gamma   90.00
#
_symmetry.space_group_name_H-M   'P 21 21 21'
#
loop_
_entity.id
_entity.type
_entity.pdbx_description
1 polymer 'Centrosomal protein of 120 kDa'
2 water water
#
_entity_poly.entity_id   1
_entity_poly.type   'polypeptide(L)'
_entity_poly.pdbx_seq_one_letter_code
;GPMVSKSDQLLIVVSILEGRHFPKRPKHMLVVEAKFDGEQLATDPVDHTDQPEFATELAWEIDRKALHQHRLQRTPIALQ
CFALDPVTSAKETIGYIVLDLRTAQETKQAPKWYQLLSNKYTKFKSEIQISIALETDTKPPVDSFKAKGAPPR
;
_entity_poly.pdbx_strand_id   A
#
# COMPACT_ATOMS: atom_id res chain seq x y z
N ASP A 8 -15.85 -20.10 -6.89
CA ASP A 8 -14.83 -19.85 -5.87
C ASP A 8 -14.94 -18.44 -5.28
N GLN A 9 -14.51 -18.31 -4.02
CA GLN A 9 -14.42 -17.00 -3.38
C GLN A 9 -13.20 -16.27 -3.93
N LEU A 10 -13.38 -15.02 -4.37
CA LEU A 10 -12.30 -14.28 -5.00
C LEU A 10 -11.61 -13.35 -4.02
N LEU A 11 -10.32 -13.11 -4.27
CA LEU A 11 -9.52 -12.21 -3.43
C LEU A 11 -8.84 -11.16 -4.29
N ILE A 12 -8.95 -9.91 -3.89
CA ILE A 12 -8.07 -8.86 -4.40
C ILE A 12 -6.87 -8.83 -3.49
N VAL A 13 -5.68 -9.05 -4.05
CA VAL A 13 -4.45 -9.15 -3.28
C VAL A 13 -3.46 -8.08 -3.74
N VAL A 14 -3.07 -7.22 -2.81
CA VAL A 14 -2.08 -6.18 -3.03
C VAL A 14 -0.82 -6.60 -2.29
N SER A 15 0.26 -6.80 -3.04
CA SER A 15 1.53 -7.19 -2.46
C SER A 15 2.42 -5.96 -2.40
N ILE A 16 2.73 -5.55 -1.19
CA ILE A 16 3.60 -4.39 -0.97
C ILE A 16 5.00 -4.92 -0.73
N LEU A 17 5.94 -4.55 -1.59
CA LEU A 17 7.23 -5.22 -1.56
C LEU A 17 8.24 -4.35 -0.83
N GLU A 18 9.06 -3.52 -1.49
CA GLU A 18 10.04 -2.74 -0.78
C GLU A 18 9.93 -1.30 -1.25
N GLY A 19 10.64 -0.43 -0.55
CA GLY A 19 10.67 0.98 -0.86
C GLY A 19 12.05 1.40 -1.27
N ARG A 20 12.17 2.58 -1.83
CA ARG A 20 13.48 3.13 -2.17
C ARG A 20 13.37 4.65 -2.14
N HIS A 21 14.53 5.31 -2.03
CA HIS A 21 14.61 6.76 -1.92
C HIS A 21 13.78 7.36 -0.77
N PHE A 22 13.84 6.73 0.40
CA PHE A 22 13.15 7.21 1.57
C PHE A 22 14.25 7.73 2.48
N PRO A 23 14.06 8.89 3.25
CA PRO A 23 15.09 9.32 4.22
C PRO A 23 15.25 8.29 5.30
N LYS A 24 16.48 8.18 5.80
CA LYS A 24 16.76 7.30 6.92
C LYS A 24 16.36 8.00 8.20
N ARG A 25 15.37 7.44 8.90
CA ARG A 25 14.85 8.02 10.12
C ARG A 25 14.99 6.99 11.24
N PRO A 26 16.11 7.01 11.97
CA PRO A 26 16.45 5.84 12.81
C PRO A 26 15.51 5.61 13.97
N LYS A 27 14.75 6.60 14.42
CA LYS A 27 13.85 6.40 15.55
C LYS A 27 12.46 5.97 15.10
N HIS A 28 12.23 5.86 13.80
CA HIS A 28 10.88 5.74 13.27
C HIS A 28 10.71 4.42 12.52
N MET A 29 9.44 4.09 12.31
CA MET A 29 9.01 2.99 11.49
C MET A 29 8.06 3.50 10.42
N LEU A 30 7.77 2.64 9.46
CA LEU A 30 6.79 2.90 8.41
C LEU A 30 5.66 1.87 8.48
N VAL A 31 4.44 2.34 8.31
CA VAL A 31 3.24 1.52 8.16
C VAL A 31 2.51 1.95 6.90
N VAL A 32 2.06 0.98 6.09
CA VAL A 32 1.17 1.26 4.98
C VAL A 32 -0.22 0.74 5.30
N GLU A 33 -1.20 1.61 5.21
CA GLU A 33 -2.60 1.25 5.34
C GLU A 33 -3.25 1.27 3.97
N ALA A 34 -4.22 0.39 3.75
CA ALA A 34 -4.92 0.37 2.47
C ALA A 34 -6.39 0.16 2.76
N LYS A 35 -7.23 0.81 1.98
CA LYS A 35 -8.66 0.77 2.19
C LYS A 35 -9.31 0.49 0.86
N PHE A 36 -10.18 -0.50 0.83
CA PHE A 36 -10.94 -0.82 -0.37
C PHE A 36 -12.38 -1.00 0.01
N ASP A 37 -13.27 -0.27 -0.69
CA ASP A 37 -14.70 -0.33 -0.44
C ASP A 37 -14.97 -0.41 1.06
N GLY A 38 -14.34 0.51 1.80
CA GLY A 38 -14.63 0.70 3.20
C GLY A 38 -13.91 -0.24 4.16
N GLU A 39 -13.08 -1.15 3.67
CA GLU A 39 -12.38 -2.09 4.52
C GLU A 39 -10.90 -1.74 4.56
N GLN A 40 -10.39 -1.45 5.74
CA GLN A 40 -9.03 -0.94 5.97
C GLN A 40 -8.14 -2.05 6.50
N LEU A 41 -7.01 -2.27 5.85
CA LEU A 41 -5.97 -3.21 6.25
C LEU A 41 -4.67 -2.45 6.50
N ALA A 42 -3.71 -3.09 7.18
CA ALA A 42 -2.41 -2.44 7.40
C ALA A 42 -1.29 -3.45 7.40
N THR A 43 -0.10 -3.01 6.99
CA THR A 43 1.12 -3.75 7.21
C THR A 43 1.56 -3.63 8.68
N ASP A 44 2.46 -4.53 9.05
CA ASP A 44 3.20 -4.37 10.29
C ASP A 44 4.05 -3.12 10.15
N PRO A 45 4.49 -2.52 11.24
CA PRO A 45 5.53 -1.49 11.10
C PRO A 45 6.85 -2.13 10.72
N VAL A 46 7.62 -1.43 9.86
CA VAL A 46 8.92 -1.87 9.42
C VAL A 46 9.89 -0.69 9.57
N ASP A 47 11.19 -1.00 9.66
CA ASP A 47 12.19 0.05 9.89
C ASP A 47 12.16 1.11 8.80
N HIS A 48 12.28 2.37 9.22
CA HIS A 48 12.29 3.52 8.31
C HIS A 48 13.69 3.76 7.75
N THR A 49 14.22 2.74 7.08
CA THR A 49 15.46 2.89 6.35
C THR A 49 15.19 3.58 5.00
N ASP A 50 16.24 3.73 4.16
CA ASP A 50 16.12 4.17 2.80
C ASP A 50 15.36 3.21 1.89
N GLN A 51 15.56 1.91 2.07
CA GLN A 51 14.84 0.94 1.32
C GLN A 51 14.03 0.12 2.32
N PRO A 52 12.90 0.68 2.82
CA PRO A 52 12.14 -0.09 3.82
C PRO A 52 11.55 -1.32 3.18
N GLU A 53 11.48 -2.53 3.85
CA GLU A 53 11.05 -3.85 3.40
C GLU A 53 9.68 -4.15 3.99
N PHE A 54 8.63 -3.93 3.21
CA PHE A 54 7.27 -4.22 3.72
C PHE A 54 6.93 -5.70 3.58
N ALA A 55 7.10 -6.26 2.38
CA ALA A 55 6.90 -7.70 2.11
C ALA A 55 5.63 -8.25 2.76
N THR A 56 4.50 -7.62 2.42
CA THR A 56 3.20 -7.92 3.00
C THR A 56 2.16 -8.08 1.89
N GLU A 57 1.28 -9.06 2.03
CA GLU A 57 0.10 -9.18 1.17
C GLU A 57 -1.13 -8.71 1.92
N LEU A 58 -1.85 -7.77 1.34
CA LEU A 58 -3.14 -7.31 1.86
C LEU A 58 -4.22 -7.82 0.92
N ALA A 59 -5.20 -8.53 1.46
CA ALA A 59 -6.19 -9.22 0.65
C ALA A 59 -7.61 -8.92 1.11
N TRP A 60 -8.49 -8.60 0.15
CA TRP A 60 -9.90 -8.35 0.39
C TRP A 60 -10.72 -9.41 -0.30
N GLU A 61 -11.66 -10.00 0.43
CA GLU A 61 -12.65 -10.89 -0.18
C GLU A 61 -13.64 -10.09 -1.00
N ILE A 62 -14.00 -10.62 -2.16
CA ILE A 62 -14.96 -9.92 -3.00
C ILE A 62 -15.72 -10.96 -3.83
N ASP A 63 -17.01 -10.74 -3.99
CA ASP A 63 -17.82 -11.55 -4.90
C ASP A 63 -17.44 -11.27 -6.36
N ARG A 64 -17.54 -12.30 -7.18
CA ARG A 64 -17.43 -12.13 -8.63
C ARG A 64 -18.29 -10.95 -9.11
N LYS A 65 -19.51 -10.84 -8.59
CA LYS A 65 -20.44 -9.81 -9.06
C LYS A 65 -20.05 -8.44 -8.56
N ALA A 66 -19.68 -8.33 -7.28
CA ALA A 66 -19.24 -7.03 -6.75
C ALA A 66 -18.00 -6.56 -7.49
N LEU A 67 -17.13 -7.50 -7.86
CA LEU A 67 -15.93 -7.13 -8.58
C LEU A 67 -16.27 -6.51 -9.93
N HIS A 68 -17.32 -7.00 -10.58
CA HIS A 68 -17.71 -6.41 -11.86
C HIS A 68 -18.19 -4.97 -11.66
N GLN A 69 -18.96 -4.71 -10.61
CA GLN A 69 -19.39 -3.34 -10.37
C GLN A 69 -18.20 -2.42 -10.12
N HIS A 70 -17.24 -2.89 -9.33
CA HIS A 70 -16.11 -2.03 -8.98
C HIS A 70 -15.24 -1.72 -10.20
N ARG A 71 -15.00 -2.71 -11.06
CA ARG A 71 -14.28 -2.44 -12.30
C ARG A 71 -15.03 -1.40 -13.13
N LEU A 72 -16.35 -1.50 -13.19
CA LEU A 72 -17.12 -0.53 -13.96
C LEU A 72 -16.91 0.88 -13.43
N GLN A 73 -17.13 1.09 -12.12
CA GLN A 73 -17.00 2.42 -11.54
C GLN A 73 -15.55 2.81 -11.26
N ARG A 74 -14.57 1.97 -11.56
CA ARG A 74 -13.16 2.30 -11.34
C ARG A 74 -12.87 2.58 -9.87
N THR A 75 -13.44 1.77 -8.99
CA THR A 75 -13.19 1.94 -7.56
C THR A 75 -11.70 1.82 -7.26
N PRO A 76 -11.09 2.82 -6.61
CA PRO A 76 -9.65 2.73 -6.32
C PRO A 76 -9.34 1.96 -5.03
N ILE A 77 -8.09 1.57 -4.93
CA ILE A 77 -7.51 1.12 -3.67
C ILE A 77 -6.58 2.25 -3.22
N ALA A 78 -6.92 2.86 -2.09
CA ALA A 78 -6.18 3.98 -1.53
C ALA A 78 -5.18 3.46 -0.52
N LEU A 79 -3.89 3.72 -0.76
CA LEU A 79 -2.82 3.39 0.19
C LEU A 79 -2.32 4.67 0.85
N GLN A 80 -2.14 4.63 2.16
CA GLN A 80 -1.65 5.75 2.94
C GLN A 80 -0.42 5.28 3.70
N CYS A 81 0.67 6.04 3.60
CA CYS A 81 1.94 5.66 4.21
CA CYS A 81 1.94 5.67 4.19
C CYS A 81 2.19 6.59 5.39
N PHE A 82 2.51 5.99 6.53
CA PHE A 82 2.66 6.66 7.79
C PHE A 82 4.06 6.41 8.33
N ALA A 83 4.63 7.45 8.91
CA ALA A 83 5.79 7.30 9.76
C ALA A 83 5.29 7.11 11.19
N LEU A 84 5.77 6.06 11.83
CA LEU A 84 5.34 5.70 13.18
C LEU A 84 6.48 5.94 14.16
N ASP A 85 6.17 6.63 15.27
CA ASP A 85 7.07 6.73 16.42
C ASP A 85 6.78 5.61 17.39
N PRO A 86 7.59 4.56 17.46
CA PRO A 86 7.25 3.42 18.36
C PRO A 86 7.28 3.76 19.85
N VAL A 87 7.89 4.87 20.24
CA VAL A 87 7.89 5.24 21.66
C VAL A 87 6.52 5.75 22.06
N THR A 88 5.91 6.57 21.21
CA THR A 88 4.67 7.25 21.52
C THR A 88 3.45 6.73 20.77
N SER A 89 3.63 5.88 19.76
CA SER A 89 2.58 5.38 18.89
C SER A 89 2.05 6.45 17.95
N ALA A 90 2.68 7.62 17.93
CA ALA A 90 2.35 8.69 17.01
C ALA A 90 2.52 8.24 15.57
N LYS A 91 1.51 8.46 14.75
CA LYS A 91 1.58 8.24 13.32
C LYS A 91 1.45 9.58 12.60
N GLU A 92 2.30 9.80 11.62
CA GLU A 92 2.22 10.97 10.75
C GLU A 92 2.12 10.51 9.31
N THR A 93 1.14 11.03 8.58
CA THR A 93 0.99 10.67 7.18
C THR A 93 2.15 11.25 6.39
N ILE A 94 2.79 10.43 5.56
CA ILE A 94 3.96 10.83 4.77
C ILE A 94 3.56 10.99 3.31
N GLY A 95 2.52 10.27 2.88
CA GLY A 95 2.09 10.34 1.49
C GLY A 95 1.12 9.22 1.17
N TYR A 96 0.68 9.22 -0.09
CA TYR A 96 -0.36 8.30 -0.52
C TYR A 96 -0.05 7.73 -1.90
N ILE A 97 -0.66 6.58 -2.17
CA ILE A 97 -0.59 5.91 -3.46
C ILE A 97 -1.99 5.47 -3.82
N VAL A 98 -2.36 5.57 -5.10
CA VAL A 98 -3.65 5.09 -5.58
C VAL A 98 -3.40 3.99 -6.58
N LEU A 99 -4.07 2.87 -6.39
CA LEU A 99 -3.94 1.71 -7.27
C LEU A 99 -5.22 1.54 -8.07
N ASP A 100 -5.07 0.97 -9.26
CA ASP A 100 -6.16 0.78 -10.21
C ASP A 100 -6.54 -0.70 -10.23
N LEU A 101 -7.80 -1.01 -9.97
CA LEU A 101 -8.24 -2.40 -10.07
C LEU A 101 -7.95 -3.00 -11.44
N ARG A 102 -8.05 -2.19 -12.50
CA ARG A 102 -7.78 -2.72 -13.83
C ARG A 102 -6.38 -3.32 -13.93
N THR A 103 -5.45 -2.84 -13.11
CA THR A 103 -4.11 -3.44 -13.11
C THR A 103 -4.14 -4.91 -12.71
N ALA A 104 -5.23 -5.37 -12.10
CA ALA A 104 -5.35 -6.75 -11.64
C ALA A 104 -5.87 -7.67 -12.75
N LYS A 108 -0.04 -13.61 -13.20
CA LYS A 108 0.60 -12.51 -12.48
C LYS A 108 1.14 -11.44 -13.42
N GLN A 109 1.13 -10.21 -12.93
CA GLN A 109 1.66 -9.05 -13.62
C GLN A 109 2.87 -8.55 -12.84
N ALA A 110 3.82 -7.99 -13.56
CA ALA A 110 5.03 -7.54 -12.91
C ALA A 110 4.70 -6.47 -11.89
N PRO A 111 5.42 -6.41 -10.76
CA PRO A 111 5.24 -5.27 -9.87
C PRO A 111 5.76 -3.97 -10.49
N LYS A 112 5.08 -2.88 -10.14
CA LYS A 112 5.46 -1.56 -10.59
C LYS A 112 5.86 -0.71 -9.40
N TRP A 113 6.75 0.33 -9.56
CA TRP A 113 7.25 1.22 -8.55
C TRP A 113 6.30 2.37 -8.66
N TYR A 114 5.57 2.80 -7.56
CA TYR A 114 4.63 3.91 -7.42
C TYR A 114 5.26 5.01 -6.59
N GLN A 115 5.23 6.21 -7.12
CA GLN A 115 5.71 7.37 -6.39
C GLN A 115 4.72 7.74 -5.32
N LEU A 116 5.24 8.04 -4.11
CA LEU A 116 4.40 8.60 -3.06
C LEU A 116 3.90 9.98 -3.45
N LEU A 117 2.59 10.16 -3.45
CA LEU A 117 1.96 11.45 -3.74
C LEU A 117 1.81 12.26 -2.48
N SER A 118 1.88 13.58 -2.63
CA SER A 118 1.86 14.49 -1.49
C SER A 118 2.93 14.13 -0.46
N ASN A 119 4.11 13.76 -0.95
CA ASN A 119 5.18 13.26 -0.08
C ASN A 119 5.68 14.35 0.85
N LYS A 120 5.62 14.08 2.17
CA LYS A 120 6.12 15.05 3.14
C LYS A 120 7.64 15.19 3.07
N TYR A 121 8.33 14.18 2.57
CA TYR A 121 9.78 14.19 2.43
C TYR A 121 10.10 14.86 1.08
N THR A 122 9.95 16.17 1.06
CA THR A 122 9.86 16.91 -0.21
C THR A 122 11.08 16.75 -1.13
N LYS A 123 12.28 16.43 -0.59
CA LYS A 123 13.45 16.29 -1.44
C LYS A 123 13.77 14.87 -1.87
N PHE A 124 12.99 13.88 -1.40
CA PHE A 124 13.15 12.47 -1.73
C PHE A 124 12.08 12.00 -2.70
N LYS A 125 12.31 11.23 -3.80
CA LYS A 125 11.25 10.76 -4.65
C LYS A 125 11.01 9.35 -4.15
N SER A 126 10.45 9.24 -2.95
CA SER A 126 10.26 7.96 -2.33
C SER A 126 9.26 7.16 -3.14
N GLU A 127 9.52 5.88 -3.32
CA GLU A 127 8.60 5.06 -4.05
C GLU A 127 8.51 3.67 -3.43
N ILE A 128 7.35 3.02 -3.57
CA ILE A 128 7.13 1.69 -3.01
C ILE A 128 6.69 0.79 -4.15
N GLN A 129 7.30 -0.43 -4.39
CA GLN A 129 7.01 -1.41 -5.45
C GLN A 129 5.84 -2.28 -5.01
N ILE A 130 4.84 -2.42 -5.88
CA ILE A 130 3.56 -3.00 -5.52
C ILE A 130 3.04 -3.80 -6.71
N SER A 131 2.50 -4.97 -6.45
CA SER A 131 1.74 -5.69 -7.45
C SER A 131 0.32 -5.89 -6.92
N ILE A 132 -0.62 -5.99 -7.84
CA ILE A 132 -2.01 -6.27 -7.48
C ILE A 132 -2.53 -7.35 -8.41
N ALA A 133 -3.25 -8.32 -7.82
CA ALA A 133 -3.73 -9.50 -8.55
C ALA A 133 -5.10 -9.91 -8.02
N LEU A 134 -5.76 -10.74 -8.82
CA LEU A 134 -7.02 -11.37 -8.44
C LEU A 134 -6.71 -12.84 -8.21
N GLU A 135 -7.04 -13.33 -7.01
CA GLU A 135 -6.77 -14.71 -6.64
C GLU A 135 -8.05 -15.38 -6.15
N THR A 136 -7.98 -16.70 -6.05
CA THR A 136 -9.05 -17.51 -5.53
C THR A 136 -8.79 -17.87 -4.07
N ASP A 137 -9.85 -18.30 -3.40
CA ASP A 137 -9.83 -18.75 -2.00
C ASP A 137 -9.86 -17.54 -1.09
#